data_3L6F
#
_entry.id   3L6F
#
_cell.length_a   91.210
_cell.length_b   135.450
_cell.length_c   40.850
_cell.angle_alpha   90.00
_cell.angle_beta   90.00
_cell.angle_gamma   90.00
#
_symmetry.space_group_name_H-M   'P 21 21 2'
#
loop_
_entity.id
_entity.type
_entity.pdbx_description
1 polymer 'HLA class II histocompatibility antigen, DR alpha chain'
2 polymer 'HLA class II histocompatibility antigen, DRB1-1 beta chain'
3 polymer 'Melanoma antigen recognized by T-cells 1'
4 water water
#
loop_
_entity_poly.entity_id
_entity_poly.type
_entity_poly.pdbx_seq_one_letter_code
_entity_poly.pdbx_strand_id
1 'polypeptide(L)'
;IKEEHVIIQAEFYLNPDQSGEFMFDFDGDEIFHVDMAKKETVWRLEEFGRFASFEAQGALANIAVDKANLEIMTKRSNYT
PITNVPPEVTVLTNSPVELREPNVLICFIDKFTPPVVNVTWLRNGKPVTTGVSETVFLPREDHLFRKFHYLPFLPSTEDV
YDCRVEHWGLDEPLLKQWEFDA
;
A
2 'polypeptide(L)'
;MGDTRPRFLWQLKFECHFFNGTERVRLLERCIYNQEESVRFDSDVGEYRAVTELGRPDAEYWNSQKDLLEQRRAAVDTYC
RHNYGVGESFTVQRRVEPKVTVYPSKTQPLQHHNLLVCSVSGFYPGSIEVRWFRNGQEEKAGVVSTGLIQNGDWTFQTLV
MLETVPRSGEVYTCQVEHPSVTSPLTVEWRARS
;
B
3 'polypeptide(L)' APPAYEKL(SEP)AEQSPP C
#
# COMPACT_ATOMS: atom_id res chain seq x y z
N GLU A 3 11.77 12.77 6.06
CA GLU A 3 11.08 12.27 4.82
C GLU A 3 9.72 12.91 4.69
N GLU A 4 9.48 13.65 3.62
CA GLU A 4 8.18 14.25 3.44
C GLU A 4 7.35 13.35 2.53
N HIS A 5 7.99 12.83 1.47
CA HIS A 5 7.28 11.95 0.55
C HIS A 5 8.24 11.00 -0.15
N VAL A 6 7.68 9.93 -0.69
CA VAL A 6 8.42 8.91 -1.42
C VAL A 6 7.60 8.42 -2.60
N ILE A 7 8.24 8.37 -3.77
CA ILE A 7 7.60 7.87 -4.99
C ILE A 7 8.40 6.62 -5.33
N ILE A 8 7.72 5.51 -5.59
CA ILE A 8 8.45 4.30 -5.91
C ILE A 8 7.97 3.68 -7.19
N GLN A 9 8.93 3.36 -8.06
CA GLN A 9 8.64 2.69 -9.33
C GLN A 9 8.96 1.24 -8.94
N ALA A 10 7.98 0.37 -8.81
CA ALA A 10 8.31 -1.00 -8.39
C ALA A 10 7.95 -2.03 -9.45
N GLU A 11 8.84 -2.98 -9.68
CA GLU A 11 8.56 -3.99 -10.68
C GLU A 11 8.97 -5.37 -10.20
N PHE A 12 8.39 -6.40 -10.80
CA PHE A 12 8.79 -7.76 -10.45
C PHE A 12 8.45 -8.73 -11.58
N TYR A 13 9.20 -9.83 -11.61
CA TYR A 13 8.93 -10.89 -12.56
C TYR A 13 9.02 -12.16 -11.73
N LEU A 14 8.06 -13.07 -11.92
CA LEU A 14 8.02 -14.31 -11.16
C LEU A 14 7.89 -15.54 -12.06
N ASN A 15 8.72 -16.55 -11.78
CA ASN A 15 8.72 -17.84 -12.49
C ASN A 15 8.42 -18.92 -11.47
N PRO A 16 7.83 -20.06 -11.91
CA PRO A 16 7.44 -20.39 -13.30
C PRO A 16 6.11 -19.78 -13.76
N ASP A 17 5.50 -18.96 -12.92
CA ASP A 17 4.21 -18.35 -13.25
C ASP A 17 4.25 -17.41 -14.47
N GLN A 18 5.43 -16.88 -14.75
CA GLN A 18 5.62 -15.94 -15.84
C GLN A 18 4.68 -14.76 -15.65
N SER A 19 4.72 -14.19 -14.45
CA SER A 19 3.91 -13.04 -14.09
C SER A 19 4.81 -11.85 -13.85
N GLY A 20 4.47 -10.70 -14.42
CA GLY A 20 5.28 -9.51 -14.25
C GLY A 20 4.39 -8.36 -13.82
N GLU A 21 4.97 -7.33 -13.21
CA GLU A 21 4.20 -6.18 -12.78
C GLU A 21 5.08 -4.94 -12.85
N PHE A 22 4.45 -3.81 -13.17
CA PHE A 22 5.12 -2.51 -13.26
C PHE A 22 4.17 -1.47 -12.65
N MET A 23 4.63 -0.79 -11.62
CA MET A 23 3.76 0.19 -10.97
C MET A 23 4.51 1.31 -10.28
N PHE A 24 3.79 2.41 -10.10
CA PHE A 24 4.30 3.59 -9.42
C PHE A 24 3.40 3.82 -8.22
N ASP A 25 3.96 4.23 -7.10
CA ASP A 25 3.15 4.54 -5.95
C ASP A 25 3.70 5.79 -5.27
N PHE A 26 2.83 6.47 -4.52
CA PHE A 26 3.20 7.70 -3.84
C PHE A 26 2.78 7.51 -2.40
N ASP A 27 3.73 7.61 -1.49
CA ASP A 27 3.48 7.40 -0.06
C ASP A 27 2.58 6.18 0.19
N GLY A 28 2.90 5.07 -0.48
CA GLY A 28 2.17 3.83 -0.28
C GLY A 28 0.88 3.66 -1.08
N ASP A 29 0.47 4.72 -1.76
CA ASP A 29 -0.75 4.61 -2.56
C ASP A 29 -0.36 4.49 -4.03
N GLU A 30 -1.02 3.59 -4.74
CA GLU A 30 -0.72 3.33 -6.13
C GLU A 30 -1.15 4.47 -7.06
N ILE A 31 -0.26 4.96 -7.92
CA ILE A 31 -0.67 6.00 -8.87
C ILE A 31 -1.21 5.25 -10.11
N PHE A 32 -0.46 4.26 -10.56
CA PHE A 32 -0.89 3.47 -11.71
C PHE A 32 -0.03 2.24 -11.83
N HIS A 33 -0.47 1.33 -12.69
CA HIS A 33 0.29 0.14 -12.99
C HIS A 33 0.01 -0.16 -14.45
N VAL A 34 0.84 -0.98 -15.06
CA VAL A 34 0.62 -1.33 -16.46
C VAL A 34 0.04 -2.74 -16.61
N ASP A 35 -1.13 -2.80 -17.25
CA ASP A 35 -1.80 -4.06 -17.56
C ASP A 35 -0.90 -4.67 -18.63
N MET A 36 -0.21 -5.75 -18.29
CA MET A 36 0.69 -6.39 -19.24
C MET A 36 -0.04 -6.97 -20.46
N ALA A 37 -1.22 -7.54 -20.24
CA ALA A 37 -2.03 -8.14 -21.30
C ALA A 37 -2.54 -7.12 -22.31
N LYS A 38 -3.26 -6.11 -21.81
CA LYS A 38 -3.81 -5.08 -22.68
C LYS A 38 -2.79 -4.01 -23.04
N LYS A 39 -1.56 -4.19 -22.59
CA LYS A 39 -0.50 -3.22 -22.86
C LYS A 39 -0.97 -1.79 -22.59
N GLU A 40 -1.56 -1.53 -21.44
CA GLU A 40 -2.01 -0.18 -21.15
C GLU A 40 -1.88 0.26 -19.71
N THR A 41 -1.65 1.55 -19.53
CA THR A 41 -1.52 2.13 -18.20
C THR A 41 -2.91 2.16 -17.54
N VAL A 42 -2.99 1.68 -16.31
CA VAL A 42 -4.24 1.65 -15.55
C VAL A 42 -4.06 2.58 -14.36
N TRP A 43 -4.80 3.69 -14.35
CA TRP A 43 -4.72 4.67 -13.27
C TRP A 43 -5.54 4.24 -12.06
N ARG A 44 -4.96 4.35 -10.87
CA ARG A 44 -5.66 3.95 -9.65
C ARG A 44 -6.92 4.76 -9.44
N LEU A 45 -6.83 6.07 -9.67
CA LEU A 45 -7.99 6.96 -9.58
C LEU A 45 -8.16 7.47 -11.01
N GLU A 46 -9.37 7.45 -11.52
CA GLU A 46 -9.58 7.88 -12.90
C GLU A 46 -8.99 9.26 -13.26
N GLU A 47 -9.14 10.25 -12.38
CA GLU A 47 -8.63 11.57 -12.70
C GLU A 47 -7.14 11.64 -13.00
N PHE A 48 -6.34 10.76 -12.40
CA PHE A 48 -4.90 10.80 -12.67
C PHE A 48 -4.59 10.75 -14.17
N GLY A 49 -5.33 9.92 -14.90
CA GLY A 49 -5.10 9.79 -16.34
C GLY A 49 -5.53 11.00 -17.16
N ARG A 50 -6.15 11.98 -16.50
CA ARG A 50 -6.56 13.19 -17.18
C ARG A 50 -5.58 14.28 -16.79
N PHE A 51 -4.69 13.93 -15.86
CA PHE A 51 -3.70 14.86 -15.36
C PHE A 51 -2.29 14.50 -15.82
N ALA A 52 -2.06 13.23 -16.11
CA ALA A 52 -0.73 12.79 -16.51
C ALA A 52 -0.79 11.65 -17.51
N SER A 53 0.37 11.20 -17.96
CA SER A 53 0.38 10.09 -18.88
C SER A 53 1.56 9.19 -18.62
N PHE A 54 1.50 8.00 -19.19
CA PHE A 54 2.60 7.07 -19.07
C PHE A 54 2.55 6.12 -20.25
N GLU A 55 3.64 6.05 -20.98
CA GLU A 55 3.67 5.14 -22.11
C GLU A 55 3.97 3.73 -21.66
N ALA A 56 2.91 2.91 -21.68
CA ALA A 56 2.96 1.53 -21.27
C ALA A 56 4.08 0.70 -21.90
N GLN A 57 4.34 0.93 -23.19
CA GLN A 57 5.39 0.19 -23.91
C GLN A 57 6.70 0.15 -23.13
N GLY A 58 7.09 1.29 -22.55
CA GLY A 58 8.33 1.33 -21.79
C GLY A 58 8.36 0.37 -20.62
N ALA A 59 7.21 0.13 -20.02
CA ALA A 59 7.09 -0.79 -18.89
C ALA A 59 7.35 -2.20 -19.39
N LEU A 60 6.82 -2.54 -20.56
CA LEU A 60 7.02 -3.88 -21.10
C LEU A 60 8.52 -4.11 -21.31
N ALA A 61 9.20 -3.08 -21.81
CA ALA A 61 10.64 -3.17 -22.04
C ALA A 61 11.32 -3.61 -20.76
N ASN A 62 11.04 -2.88 -19.67
CA ASN A 62 11.63 -3.21 -18.36
C ASN A 62 11.30 -4.63 -17.92
N ILE A 63 10.04 -5.03 -18.04
CA ILE A 63 9.64 -6.36 -17.64
C ILE A 63 10.45 -7.43 -18.37
N ALA A 64 10.72 -7.23 -19.66
CA ALA A 64 11.50 -8.19 -20.42
C ALA A 64 12.89 -8.32 -19.79
N VAL A 65 13.48 -7.19 -19.41
CA VAL A 65 14.81 -7.21 -18.79
C VAL A 65 14.75 -7.88 -17.41
N ASP A 66 13.66 -7.64 -16.68
CA ASP A 66 13.50 -8.21 -15.36
C ASP A 66 13.42 -9.74 -15.47
N LYS A 67 12.73 -10.20 -16.51
CA LYS A 67 12.55 -11.62 -16.78
C LYS A 67 13.87 -12.26 -17.08
N ALA A 68 14.69 -11.61 -17.91
CA ALA A 68 15.99 -12.16 -18.27
C ALA A 68 16.91 -12.13 -17.08
N ASN A 69 16.80 -11.10 -16.24
CA ASN A 69 17.67 -11.06 -15.06
C ASN A 69 17.27 -12.05 -13.96
N LEU A 70 15.99 -12.41 -13.91
CA LEU A 70 15.51 -13.36 -12.91
C LEU A 70 16.12 -14.73 -13.22
N GLU A 71 16.08 -15.11 -14.49
CA GLU A 71 16.62 -16.39 -14.89
C GLU A 71 18.12 -16.46 -14.66
N ILE A 72 18.79 -15.34 -14.89
CA ILE A 72 20.20 -15.27 -14.65
C ILE A 72 20.44 -15.44 -13.16
N MET A 73 19.65 -14.73 -12.36
CA MET A 73 19.79 -14.79 -10.91
C MET A 73 19.38 -16.15 -10.34
N THR A 74 18.40 -16.80 -10.98
CA THR A 74 17.96 -18.12 -10.53
C THR A 74 19.16 -19.07 -10.58
N LYS A 75 19.87 -19.10 -11.71
CA LYS A 75 21.05 -19.96 -11.83
C LYS A 75 22.21 -19.53 -10.93
N ARG A 76 22.43 -18.22 -10.83
CA ARG A 76 23.54 -17.71 -10.04
C ARG A 76 23.43 -18.03 -8.57
N SER A 77 22.20 -18.27 -8.12
CA SER A 77 21.94 -18.59 -6.73
C SER A 77 21.93 -20.09 -6.50
N ASN A 78 22.32 -20.87 -7.51
CA ASN A 78 22.32 -22.33 -7.40
C ASN A 78 20.85 -22.75 -7.27
N TYR A 79 20.02 -22.12 -8.10
CA TYR A 79 18.59 -22.36 -8.15
C TYR A 79 17.93 -22.37 -6.78
N THR A 80 18.11 -21.30 -6.01
CA THR A 80 17.50 -21.22 -4.69
C THR A 80 16.10 -20.60 -4.81
N PRO A 81 15.05 -21.32 -4.38
CA PRO A 81 13.68 -20.82 -4.46
C PRO A 81 13.31 -19.89 -3.32
N ILE A 82 12.23 -19.14 -3.50
CA ILE A 82 11.77 -18.22 -2.48
C ILE A 82 11.09 -19.01 -1.36
N THR A 83 11.15 -18.49 -0.13
CA THR A 83 10.48 -19.09 1.02
C THR A 83 9.12 -18.39 1.12
N ASN A 84 8.03 -19.16 1.00
CA ASN A 84 6.68 -18.62 1.09
C ASN A 84 6.42 -17.96 2.44
N VAL A 85 5.87 -16.74 2.44
CA VAL A 85 5.51 -16.05 3.68
C VAL A 85 4.00 -15.86 3.55
N PRO A 86 3.22 -16.51 4.45
CA PRO A 86 1.77 -16.38 4.39
C PRO A 86 1.28 -15.00 4.78
N PRO A 87 0.14 -14.58 4.21
CA PRO A 87 -0.44 -13.27 4.48
C PRO A 87 -1.17 -13.12 5.80
N GLU A 88 -1.24 -11.87 6.24
CA GLU A 88 -1.97 -11.48 7.43
C GLU A 88 -3.19 -10.85 6.78
N VAL A 89 -4.37 -11.30 7.18
CA VAL A 89 -5.60 -10.82 6.58
C VAL A 89 -6.57 -10.16 7.57
N THR A 90 -7.11 -9.01 7.17
CA THR A 90 -8.08 -8.29 7.99
C THR A 90 -9.18 -7.77 7.09
N VAL A 91 -10.37 -7.63 7.66
CA VAL A 91 -11.54 -7.15 6.95
C VAL A 91 -12.18 -6.01 7.72
N LEU A 92 -12.34 -4.87 7.05
CA LEU A 92 -12.97 -3.70 7.66
C LEU A 92 -13.93 -3.05 6.67
N THR A 93 -14.79 -2.17 7.16
CA THR A 93 -15.68 -1.42 6.26
C THR A 93 -14.95 -0.09 6.06
N ASN A 94 -15.27 0.69 5.03
CA ASN A 94 -14.52 1.94 4.93
C ASN A 94 -15.14 3.08 5.73
N SER A 95 -16.37 2.87 6.21
CA SER A 95 -17.04 3.87 7.06
C SER A 95 -17.93 3.16 8.08
N PRO A 96 -18.33 3.86 9.15
CA PRO A 96 -19.18 3.17 10.14
C PRO A 96 -20.45 2.65 9.44
N VAL A 97 -20.87 1.43 9.79
CA VAL A 97 -22.03 0.83 9.14
C VAL A 97 -23.37 1.18 9.76
N GLU A 98 -24.31 1.51 8.88
CA GLU A 98 -25.67 1.85 9.29
C GLU A 98 -26.55 0.91 8.49
N LEU A 99 -27.51 0.27 9.14
CA LEU A 99 -28.38 -0.64 8.43
C LEU A 99 -28.96 0.05 7.19
N ARG A 100 -29.07 -0.73 6.12
CA ARG A 100 -29.58 -0.26 4.84
C ARG A 100 -28.91 1.01 4.30
N GLU A 101 -27.63 1.20 4.62
CA GLU A 101 -26.87 2.34 4.12
C GLU A 101 -25.66 1.76 3.36
N PRO A 102 -25.61 1.95 2.03
CA PRO A 102 -24.51 1.44 1.21
C PRO A 102 -23.13 1.63 1.84
N ASN A 103 -22.33 0.56 1.85
CA ASN A 103 -20.99 0.62 2.41
C ASN A 103 -20.05 -0.26 1.54
N VAL A 104 -18.79 -0.36 1.94
CA VAL A 104 -17.82 -1.15 1.23
C VAL A 104 -16.98 -1.97 2.21
N LEU A 105 -16.83 -3.26 1.93
CA LEU A 105 -16.00 -4.13 2.76
C LEU A 105 -14.62 -4.16 2.12
N ILE A 106 -13.60 -4.02 2.94
CA ILE A 106 -12.24 -4.04 2.43
C ILE A 106 -11.50 -5.22 3.03
N CYS A 107 -10.90 -6.03 2.17
CA CYS A 107 -10.10 -7.15 2.65
C CYS A 107 -8.64 -6.77 2.41
N PHE A 108 -7.90 -6.58 3.51
CA PHE A 108 -6.49 -6.20 3.45
C PHE A 108 -5.63 -7.47 3.50
N ILE A 109 -4.87 -7.75 2.45
CA ILE A 109 -4.00 -8.94 2.46
C ILE A 109 -2.61 -8.36 2.55
N ASP A 110 -1.89 -8.67 3.63
CA ASP A 110 -0.59 -8.04 3.88
C ASP A 110 0.57 -8.95 4.26
N LYS A 111 1.79 -8.42 4.09
CA LYS A 111 3.06 -9.08 4.42
C LYS A 111 3.23 -10.51 3.92
N PHE A 112 3.10 -10.72 2.62
CA PHE A 112 3.25 -12.06 2.08
C PHE A 112 4.11 -12.02 0.82
N THR A 113 4.57 -13.20 0.43
CA THR A 113 5.37 -13.40 -0.77
C THR A 113 5.40 -14.91 -0.97
N PRO A 114 5.48 -15.38 -2.22
CA PRO A 114 5.54 -14.63 -3.48
C PRO A 114 4.21 -13.96 -3.81
N PRO A 115 4.23 -13.03 -4.79
CA PRO A 115 3.02 -12.32 -5.18
C PRO A 115 1.98 -13.09 -5.98
N VAL A 116 1.40 -14.12 -5.37
CA VAL A 116 0.35 -14.92 -6.00
C VAL A 116 -0.62 -15.22 -4.87
N VAL A 117 -1.90 -15.02 -5.11
CA VAL A 117 -2.86 -15.26 -4.06
C VAL A 117 -4.25 -15.44 -4.67
N ASN A 118 -5.12 -16.15 -3.97
CA ASN A 118 -6.49 -16.37 -4.42
C ASN A 118 -7.38 -15.78 -3.37
N VAL A 119 -8.22 -14.84 -3.82
CA VAL A 119 -9.12 -14.15 -2.92
C VAL A 119 -10.55 -14.25 -3.42
N THR A 120 -11.44 -14.59 -2.52
CA THR A 120 -12.86 -14.72 -2.84
C THR A 120 -13.72 -14.16 -1.71
N TRP A 121 -14.73 -13.38 -2.09
CA TRP A 121 -15.67 -12.82 -1.13
C TRP A 121 -16.84 -13.79 -1.02
N LEU A 122 -17.21 -14.11 0.21
CA LEU A 122 -18.32 -15.01 0.46
C LEU A 122 -19.43 -14.33 1.25
N ARG A 123 -20.67 -14.47 0.81
CA ARG A 123 -21.81 -13.92 1.55
C ARG A 123 -22.63 -15.13 1.97
N ASN A 124 -22.64 -15.36 3.28
CA ASN A 124 -23.35 -16.49 3.85
C ASN A 124 -22.85 -17.76 3.17
N GLY A 125 -21.53 -17.86 3.01
CA GLY A 125 -20.93 -19.04 2.41
C GLY A 125 -20.83 -19.12 0.90
N LYS A 126 -21.59 -18.31 0.17
CA LYS A 126 -21.53 -18.37 -1.28
C LYS A 126 -20.76 -17.18 -1.86
N PRO A 127 -19.97 -17.43 -2.91
CA PRO A 127 -19.17 -16.38 -3.53
C PRO A 127 -19.97 -15.21 -4.13
N VAL A 128 -19.44 -14.02 -3.96
CA VAL A 128 -20.06 -12.81 -4.46
C VAL A 128 -19.04 -12.20 -5.42
N THR A 129 -19.49 -11.79 -6.60
CA THR A 129 -18.59 -11.20 -7.57
C THR A 129 -19.12 -9.86 -8.03
N THR A 130 -20.34 -9.55 -7.61
CA THR A 130 -21.01 -8.33 -8.00
C THR A 130 -20.35 -7.04 -7.49
N GLY A 131 -19.97 -6.18 -8.42
CA GLY A 131 -19.36 -4.92 -8.06
C GLY A 131 -18.03 -4.98 -7.32
N VAL A 132 -17.42 -6.15 -7.25
CA VAL A 132 -16.14 -6.29 -6.55
C VAL A 132 -14.97 -5.75 -7.37
N SER A 133 -13.87 -5.41 -6.67
CA SER A 133 -12.68 -4.91 -7.33
C SER A 133 -11.45 -5.27 -6.49
N GLU A 134 -10.27 -4.94 -7.00
CA GLU A 134 -9.04 -5.28 -6.30
C GLU A 134 -7.88 -4.50 -6.87
N THR A 135 -6.79 -4.48 -6.11
CA THR A 135 -5.59 -3.79 -6.52
C THR A 135 -4.61 -4.86 -7.00
N VAL A 136 -3.51 -4.43 -7.59
CA VAL A 136 -2.47 -5.36 -7.99
C VAL A 136 -1.60 -5.49 -6.72
N PHE A 137 -0.45 -6.13 -6.84
CA PHE A 137 0.43 -6.29 -5.68
C PHE A 137 1.22 -5.00 -5.39
N LEU A 138 1.11 -4.49 -4.17
CA LEU A 138 1.79 -3.24 -3.80
C LEU A 138 3.06 -3.57 -3.01
N PRO A 139 4.12 -2.78 -3.21
CA PRO A 139 5.40 -3.00 -2.52
C PRO A 139 5.41 -2.65 -1.04
N ARG A 140 6.36 -3.24 -0.33
CA ARG A 140 6.59 -3.00 1.12
C ARG A 140 8.09 -2.85 1.33
N GLU A 141 8.49 -2.12 2.36
CA GLU A 141 9.90 -1.91 2.66
C GLU A 141 10.64 -3.22 2.90
N ASP A 142 9.98 -4.23 3.48
CA ASP A 142 10.65 -5.51 3.71
C ASP A 142 10.65 -6.41 2.46
N HIS A 143 10.12 -5.88 1.38
CA HIS A 143 10.10 -6.58 0.10
C HIS A 143 9.06 -7.65 -0.07
N LEU A 144 8.10 -7.66 0.86
CA LEU A 144 6.94 -8.54 0.80
C LEU A 144 5.89 -7.69 0.06
N PHE A 145 4.65 -8.18 -0.03
CA PHE A 145 3.61 -7.45 -0.72
C PHE A 145 2.32 -7.24 0.05
N ARG A 146 1.52 -6.29 -0.46
CA ARG A 146 0.21 -5.90 0.05
C ARG A 146 -0.77 -5.99 -1.10
N LYS A 147 -2.04 -6.16 -0.79
CA LYS A 147 -3.07 -6.22 -1.82
C LYS A 147 -4.38 -5.91 -1.13
N PHE A 148 -5.31 -5.30 -1.85
CA PHE A 148 -6.62 -4.97 -1.30
C PHE A 148 -7.71 -5.46 -2.24
N HIS A 149 -8.80 -5.96 -1.65
CA HIS A 149 -10.00 -6.38 -2.38
C HIS A 149 -11.16 -5.60 -1.77
N TYR A 150 -12.16 -5.27 -2.60
CA TYR A 150 -13.32 -4.51 -2.18
C TYR A 150 -14.64 -5.17 -2.57
N LEU A 151 -15.63 -4.99 -1.70
CA LEU A 151 -16.98 -5.52 -1.90
C LEU A 151 -18.04 -4.53 -1.43
N PRO A 152 -18.67 -3.82 -2.39
CA PRO A 152 -19.71 -2.89 -1.96
C PRO A 152 -20.83 -3.77 -1.41
N PHE A 153 -21.57 -3.31 -0.41
CA PHE A 153 -22.66 -4.12 0.12
C PHE A 153 -23.68 -3.25 0.80
N LEU A 154 -24.82 -3.84 1.12
CA LEU A 154 -25.89 -3.14 1.80
C LEU A 154 -25.97 -3.84 3.15
N PRO A 155 -25.65 -3.13 4.23
CA PRO A 155 -25.68 -3.75 5.57
C PRO A 155 -27.00 -4.43 5.95
N SER A 156 -26.88 -5.59 6.60
CA SER A 156 -28.02 -6.37 7.07
C SER A 156 -27.65 -6.97 8.39
N THR A 157 -28.66 -7.30 9.18
CA THR A 157 -28.41 -7.92 10.46
C THR A 157 -28.28 -9.41 10.19
N GLU A 158 -28.76 -9.83 9.02
CA GLU A 158 -28.73 -11.23 8.65
C GLU A 158 -27.55 -11.73 7.83
N ASP A 159 -26.76 -10.83 7.27
CA ASP A 159 -25.64 -11.30 6.46
C ASP A 159 -24.31 -11.50 7.17
N VAL A 160 -23.63 -12.58 6.81
CA VAL A 160 -22.31 -12.87 7.35
C VAL A 160 -21.37 -12.94 6.17
N TYR A 161 -20.24 -12.24 6.26
CA TYR A 161 -19.27 -12.21 5.17
C TYR A 161 -17.92 -12.80 5.55
N ASP A 162 -17.22 -13.33 4.55
CA ASP A 162 -15.89 -13.88 4.76
C ASP A 162 -15.01 -13.43 3.61
N CYS A 163 -13.75 -13.16 3.91
CA CYS A 163 -12.78 -12.88 2.88
C CYS A 163 -11.98 -14.18 2.92
N ARG A 164 -12.09 -14.98 1.85
CA ARG A 164 -11.41 -16.26 1.74
C ARG A 164 -10.11 -16.08 0.96
N VAL A 165 -8.99 -16.39 1.61
CA VAL A 165 -7.66 -16.22 1.05
C VAL A 165 -6.80 -17.49 1.04
N GLU A 166 -6.29 -17.84 -0.15
CA GLU A 166 -5.39 -18.98 -0.27
C GLU A 166 -4.01 -18.49 -0.74
N HIS A 167 -2.96 -19.03 -0.11
CA HIS A 167 -1.59 -18.68 -0.45
C HIS A 167 -0.69 -19.89 -0.17
N TRP A 168 0.37 -20.07 -0.96
CA TRP A 168 1.26 -21.23 -0.76
C TRP A 168 1.85 -21.34 0.65
N GLY A 169 1.85 -20.24 1.39
CA GLY A 169 2.37 -20.28 2.75
C GLY A 169 1.34 -20.74 3.75
N LEU A 170 0.12 -20.97 3.29
CA LEU A 170 -0.96 -21.43 4.17
C LEU A 170 -1.26 -22.90 3.89
N ASP A 171 -1.61 -23.66 4.91
CA ASP A 171 -1.92 -25.09 4.70
C ASP A 171 -3.37 -25.31 4.32
N GLU A 172 -4.18 -24.27 4.50
CA GLU A 172 -5.59 -24.36 4.16
C GLU A 172 -6.10 -22.95 3.96
N PRO A 173 -7.27 -22.82 3.31
CA PRO A 173 -7.85 -21.50 3.06
C PRO A 173 -7.99 -20.74 4.36
N LEU A 174 -7.70 -19.46 4.33
CA LEU A 174 -7.83 -18.63 5.51
C LEU A 174 -9.13 -17.86 5.31
N LEU A 175 -10.01 -17.91 6.30
CA LEU A 175 -11.28 -17.20 6.19
C LEU A 175 -11.45 -16.19 7.32
N LYS A 176 -11.55 -14.93 6.94
CA LYS A 176 -11.72 -13.85 7.90
C LYS A 176 -13.13 -13.35 7.70
N GLN A 177 -13.98 -13.53 8.71
CA GLN A 177 -15.35 -13.11 8.60
C GLN A 177 -15.64 -11.75 9.22
N TRP A 178 -16.78 -11.19 8.81
CA TRP A 178 -17.24 -9.89 9.28
C TRP A 178 -18.75 -9.99 9.22
N GLU A 179 -19.41 -9.32 10.16
CA GLU A 179 -20.87 -9.27 10.19
C GLU A 179 -21.28 -8.01 10.96
N PHE A 180 -22.48 -7.51 10.67
CA PHE A 180 -22.99 -6.30 11.32
C PHE A 180 -23.06 -6.48 12.85
N MET B 1 -4.71 -24.18 -2.77
CA MET B 1 -4.09 -24.17 -4.12
C MET B 1 -3.10 -25.31 -4.26
N GLY B 2 -2.88 -25.72 -5.49
CA GLY B 2 -1.93 -26.77 -5.75
C GLY B 2 -0.72 -26.08 -6.35
N ASP B 3 0.03 -26.85 -7.11
CA ASP B 3 1.23 -26.38 -7.79
C ASP B 3 2.28 -25.93 -6.79
N THR B 4 2.98 -26.89 -6.20
CA THR B 4 4.02 -26.56 -5.24
C THR B 4 5.40 -26.44 -5.89
N ARG B 5 5.43 -26.23 -7.21
CA ARG B 5 6.72 -26.03 -7.89
C ARG B 5 7.42 -24.85 -7.21
N PRO B 6 8.76 -24.87 -7.17
CA PRO B 6 9.52 -23.78 -6.55
C PRO B 6 9.30 -22.48 -7.31
N ARG B 7 9.21 -21.37 -6.58
CA ARG B 7 9.04 -20.06 -7.22
C ARG B 7 10.33 -19.26 -7.08
N PHE B 8 10.59 -18.42 -8.08
CA PHE B 8 11.79 -17.57 -8.14
C PHE B 8 11.34 -16.14 -8.46
N LEU B 9 11.63 -15.21 -7.55
CA LEU B 9 11.21 -13.82 -7.71
C LEU B 9 12.33 -12.80 -7.83
N TRP B 10 12.09 -11.80 -8.66
CA TRP B 10 13.06 -10.74 -8.87
C TRP B 10 12.29 -9.42 -8.83
N GLN B 11 12.77 -8.47 -8.03
CA GLN B 11 12.16 -7.15 -7.90
C GLN B 11 13.19 -6.05 -8.22
N LEU B 12 12.72 -5.00 -8.89
CA LEU B 12 13.54 -3.84 -9.24
C LEU B 12 12.71 -2.68 -8.68
N LYS B 13 13.32 -1.86 -7.84
CA LYS B 13 12.63 -0.75 -7.21
C LYS B 13 13.46 0.52 -7.33
N PHE B 14 12.80 1.62 -7.67
CA PHE B 14 13.49 2.90 -7.74
C PHE B 14 12.71 3.80 -6.77
N GLU B 15 13.34 4.15 -5.67
CA GLU B 15 12.70 5.00 -4.68
C GLU B 15 13.20 6.43 -4.71
N CYS B 16 12.27 7.36 -4.85
CA CYS B 16 12.64 8.77 -4.83
C CYS B 16 12.14 9.35 -3.51
N HIS B 17 13.07 9.73 -2.65
CA HIS B 17 12.71 10.30 -1.34
C HIS B 17 12.88 11.82 -1.36
N PHE B 18 11.81 12.52 -1.01
CA PHE B 18 11.82 13.99 -1.02
C PHE B 18 11.71 14.59 0.37
N PHE B 19 12.54 15.61 0.62
CA PHE B 19 12.54 16.32 1.89
C PHE B 19 12.35 17.81 1.62
N ASN B 20 11.40 18.42 2.32
CA ASN B 20 11.09 19.83 2.15
C ASN B 20 10.85 20.10 0.67
N GLY B 21 9.75 19.57 0.15
CA GLY B 21 9.46 19.75 -1.25
C GLY B 21 10.53 18.98 -1.99
N THR B 22 11.30 19.67 -2.83
CA THR B 22 12.36 19.03 -3.59
C THR B 22 13.71 19.65 -3.31
N GLU B 23 13.87 20.27 -2.14
CA GLU B 23 15.14 20.88 -1.84
C GLU B 23 16.19 19.79 -1.65
N ARG B 24 15.77 18.67 -1.06
CA ARG B 24 16.64 17.53 -0.85
C ARG B 24 15.99 16.27 -1.46
N VAL B 25 16.69 15.68 -2.42
CA VAL B 25 16.18 14.51 -3.11
C VAL B 25 17.23 13.40 -3.13
N ARG B 26 16.79 12.18 -2.85
CA ARG B 26 17.67 11.01 -2.83
C ARG B 26 17.05 9.87 -3.63
N LEU B 27 17.84 9.31 -4.53
CA LEU B 27 17.37 8.18 -5.33
C LEU B 27 17.97 6.89 -4.76
N LEU B 28 17.11 5.93 -4.42
CA LEU B 28 17.57 4.65 -3.90
C LEU B 28 17.02 3.54 -4.81
N GLU B 29 17.91 3.01 -5.64
CA GLU B 29 17.59 1.94 -6.58
C GLU B 29 17.98 0.65 -5.88
N ARG B 30 17.07 -0.33 -5.88
CA ARG B 30 17.38 -1.61 -5.22
C ARG B 30 16.86 -2.83 -5.96
N CYS B 31 17.72 -3.85 -6.04
CA CYS B 31 17.43 -5.13 -6.70
C CYS B 31 17.23 -6.18 -5.60
N ILE B 32 16.16 -6.96 -5.72
CA ILE B 32 15.85 -7.97 -4.70
C ILE B 32 15.55 -9.32 -5.34
N TYR B 33 16.33 -10.34 -4.94
CA TYR B 33 16.11 -11.70 -5.43
C TYR B 33 15.36 -12.45 -4.33
N ASN B 34 14.16 -12.91 -4.66
CA ASN B 34 13.30 -13.57 -3.67
C ASN B 34 13.05 -12.58 -2.54
N GLN B 35 13.64 -12.81 -1.37
CA GLN B 35 13.46 -11.85 -0.28
C GLN B 35 14.75 -11.11 0.07
N GLU B 36 15.84 -11.40 -0.64
CA GLU B 36 17.12 -10.79 -0.35
C GLU B 36 17.53 -9.63 -1.26
N GLU B 37 17.75 -8.45 -0.68
CA GLU B 37 18.18 -7.31 -1.48
C GLU B 37 19.66 -7.58 -1.74
N SER B 38 20.03 -7.65 -3.02
CA SER B 38 21.38 -8.00 -3.47
C SER B 38 22.31 -6.89 -4.01
N VAL B 39 21.72 -5.81 -4.52
CA VAL B 39 22.52 -4.73 -5.04
C VAL B 39 21.70 -3.45 -5.06
N ARG B 40 22.38 -2.32 -4.91
CA ARG B 40 21.72 -1.03 -4.91
C ARG B 40 22.58 0.12 -5.43
N PHE B 41 21.91 1.22 -5.75
CA PHE B 41 22.55 2.46 -6.19
C PHE B 41 21.86 3.54 -5.37
N ASP B 42 22.63 4.09 -4.44
CA ASP B 42 22.20 5.14 -3.52
C ASP B 42 22.79 6.45 -4.08
N SER B 43 21.94 7.42 -4.41
CA SER B 43 22.41 8.70 -4.96
C SER B 43 23.44 9.36 -4.03
N ASP B 44 23.32 9.09 -2.74
CA ASP B 44 24.25 9.64 -1.76
C ASP B 44 25.60 8.92 -1.81
N VAL B 45 25.69 7.84 -2.58
CA VAL B 45 26.93 7.10 -2.71
C VAL B 45 27.54 7.34 -4.10
N GLY B 46 26.69 7.47 -5.11
CA GLY B 46 27.19 7.73 -6.45
C GLY B 46 27.49 6.56 -7.35
N GLU B 47 27.52 5.35 -6.80
CA GLU B 47 27.80 4.13 -7.56
C GLU B 47 27.06 2.90 -7.01
N TYR B 48 26.93 1.86 -7.84
CA TYR B 48 26.27 0.63 -7.41
C TYR B 48 27.08 -0.08 -6.33
N ARG B 49 26.39 -0.61 -5.34
CA ARG B 49 27.06 -1.31 -4.27
C ARG B 49 26.33 -2.62 -4.04
N ALA B 50 27.10 -3.69 -3.87
CA ALA B 50 26.55 -5.02 -3.62
C ALA B 50 26.12 -5.08 -2.16
N VAL B 51 24.89 -5.53 -1.91
CA VAL B 51 24.39 -5.65 -0.54
C VAL B 51 24.75 -7.04 0.00
N THR B 52 24.71 -8.04 -0.89
CA THR B 52 25.05 -9.41 -0.55
C THR B 52 25.98 -9.87 -1.66
N GLU B 53 26.60 -11.03 -1.45
CA GLU B 53 27.53 -11.60 -2.41
C GLU B 53 26.91 -11.83 -3.76
N LEU B 54 25.60 -12.07 -3.76
CA LEU B 54 24.86 -12.34 -4.98
C LEU B 54 24.90 -11.18 -5.98
N GLY B 55 24.92 -9.95 -5.47
CA GLY B 55 24.91 -8.80 -6.37
C GLY B 55 26.26 -8.29 -6.86
N ARG B 56 27.35 -8.80 -6.29
CA ARG B 56 28.67 -8.33 -6.70
C ARG B 56 28.85 -8.26 -8.22
N PRO B 57 28.47 -9.31 -8.94
CA PRO B 57 28.63 -9.27 -10.40
C PRO B 57 27.91 -8.11 -11.10
N ASP B 58 26.75 -7.73 -10.59
CA ASP B 58 25.98 -6.66 -11.20
C ASP B 58 26.57 -5.29 -10.88
N ALA B 59 26.95 -5.08 -9.61
CA ALA B 59 27.56 -3.83 -9.20
C ALA B 59 28.79 -3.56 -10.06
N GLU B 60 29.62 -4.59 -10.23
CA GLU B 60 30.83 -4.47 -11.03
C GLU B 60 30.49 -4.12 -12.48
N TYR B 61 29.66 -4.94 -13.11
CA TYR B 61 29.29 -4.72 -14.49
C TYR B 61 28.61 -3.37 -14.71
N TRP B 62 27.70 -3.02 -13.80
CA TRP B 62 26.98 -1.76 -13.96
C TRP B 62 27.86 -0.54 -13.72
N ASN B 63 28.74 -0.63 -12.73
CA ASN B 63 29.64 0.48 -12.44
C ASN B 63 30.68 0.65 -13.53
N SER B 64 30.85 -0.38 -14.35
CA SER B 64 31.82 -0.31 -15.44
C SER B 64 31.29 0.58 -16.53
N GLN B 65 29.98 0.62 -16.68
CA GLN B 65 29.34 1.44 -17.70
C GLN B 65 29.20 2.89 -17.26
N LYS B 66 30.05 3.76 -17.80
CA LYS B 66 30.07 5.17 -17.44
C LYS B 66 28.83 5.99 -17.79
N ASP B 67 28.25 5.75 -18.96
CA ASP B 67 27.05 6.49 -19.34
C ASP B 67 25.90 6.15 -18.39
N LEU B 68 25.85 4.90 -17.93
CA LEU B 68 24.79 4.46 -17.01
C LEU B 68 24.99 5.18 -15.68
N LEU B 69 26.23 5.18 -15.22
CA LEU B 69 26.57 5.83 -13.97
C LEU B 69 26.22 7.33 -13.98
N GLU B 70 26.36 7.96 -15.15
CA GLU B 70 26.05 9.39 -15.27
C GLU B 70 24.55 9.66 -15.28
N GLN B 71 23.81 8.88 -16.06
CA GLN B 71 22.37 9.11 -16.08
C GLN B 71 21.81 8.85 -14.67
N ARG B 72 22.35 7.85 -13.98
CA ARG B 72 21.89 7.52 -12.64
C ARG B 72 22.19 8.66 -11.67
N ARG B 73 23.36 9.26 -11.81
CA ARG B 73 23.76 10.37 -10.94
C ARG B 73 22.93 11.64 -11.17
N ALA B 74 22.32 11.75 -12.34
CA ALA B 74 21.50 12.91 -12.67
C ALA B 74 20.02 12.59 -12.57
N ALA B 75 19.72 11.33 -12.25
CA ALA B 75 18.34 10.86 -12.14
C ALA B 75 17.58 11.69 -11.10
N VAL B 76 18.27 12.04 -10.02
CA VAL B 76 17.64 12.83 -8.97
C VAL B 76 16.92 14.06 -9.56
N ASP B 77 17.36 14.51 -10.73
CA ASP B 77 16.75 15.67 -11.40
C ASP B 77 15.89 15.29 -12.59
N THR B 78 16.43 14.48 -13.49
CA THR B 78 15.69 14.07 -14.69
C THR B 78 14.58 13.06 -14.40
N TYR B 79 14.68 12.39 -13.25
CA TYR B 79 13.70 11.36 -12.89
C TYR B 79 12.88 11.74 -11.66
N CYS B 80 13.54 11.82 -10.51
CA CYS B 80 12.85 12.14 -9.26
C CYS B 80 12.15 13.51 -9.24
N ARG B 81 12.90 14.59 -9.46
CA ARG B 81 12.27 15.90 -9.45
C ARG B 81 11.26 16.00 -10.59
N HIS B 82 11.53 15.34 -11.72
CA HIS B 82 10.59 15.40 -12.82
C HIS B 82 9.24 14.79 -12.47
N ASN B 83 9.26 13.56 -11.94
CA ASN B 83 8.03 12.88 -11.59
C ASN B 83 7.31 13.54 -10.40
N TYR B 84 8.08 14.10 -9.47
CA TYR B 84 7.48 14.76 -8.31
C TYR B 84 6.62 15.93 -8.81
N GLY B 85 7.14 16.65 -9.81
CA GLY B 85 6.41 17.79 -10.35
C GLY B 85 5.20 17.37 -11.18
N VAL B 86 5.28 16.22 -11.81
CA VAL B 86 4.17 15.75 -12.63
C VAL B 86 2.89 15.59 -11.82
N GLY B 87 3.00 15.04 -10.62
CA GLY B 87 1.80 14.83 -9.83
C GLY B 87 1.64 15.66 -8.58
N GLU B 88 2.53 16.63 -8.39
CA GLU B 88 2.47 17.47 -7.19
C GLU B 88 1.06 17.99 -6.87
N SER B 89 0.35 18.49 -7.87
CA SER B 89 -0.98 19.06 -7.69
C SER B 89 -2.10 18.13 -7.22
N PHE B 90 -2.01 16.85 -7.54
CA PHE B 90 -3.07 15.93 -7.12
C PHE B 90 -2.60 14.83 -6.18
N THR B 91 -1.39 14.96 -5.64
CA THR B 91 -0.87 13.98 -4.70
C THR B 91 -0.39 14.69 -3.42
N VAL B 92 0.72 15.43 -3.53
CA VAL B 92 1.25 16.16 -2.39
C VAL B 92 0.22 17.18 -1.90
N GLN B 93 -0.55 17.74 -2.83
CA GLN B 93 -1.53 18.74 -2.44
C GLN B 93 -2.94 18.19 -2.21
N ARG B 94 -3.09 16.87 -2.37
CA ARG B 94 -4.39 16.21 -2.13
C ARG B 94 -4.78 16.39 -0.65
N ARG B 95 -6.03 16.79 -0.41
CA ARG B 95 -6.54 16.98 0.94
C ARG B 95 -8.01 16.62 1.01
N VAL B 96 -8.33 15.54 1.73
CA VAL B 96 -9.70 15.10 1.89
C VAL B 96 -9.99 15.13 3.38
N GLU B 97 -11.05 15.83 3.73
CA GLU B 97 -11.44 16.03 5.13
C GLU B 97 -12.04 14.80 5.79
N PRO B 98 -11.64 14.50 7.02
CA PRO B 98 -12.24 13.31 7.64
C PRO B 98 -13.71 13.46 8.01
N LYS B 99 -14.41 12.33 8.03
CA LYS B 99 -15.79 12.31 8.46
C LYS B 99 -15.67 11.74 9.89
N VAL B 100 -16.15 12.50 10.86
CA VAL B 100 -16.04 12.07 12.25
C VAL B 100 -17.37 11.79 12.92
N THR B 101 -17.47 10.64 13.55
CA THR B 101 -18.69 10.32 14.28
C THR B 101 -18.31 9.69 15.60
N VAL B 102 -19.16 9.88 16.59
CA VAL B 102 -18.94 9.31 17.89
C VAL B 102 -20.18 8.52 18.26
N TYR B 103 -19.96 7.31 18.77
CA TYR B 103 -21.08 6.48 19.18
C TYR B 103 -20.63 5.47 20.22
N PRO B 104 -21.56 5.02 21.09
CA PRO B 104 -21.09 4.03 22.07
C PRO B 104 -20.96 2.70 21.34
N SER B 105 -19.94 1.92 21.69
CA SER B 105 -19.75 0.62 21.05
C SER B 105 -21.05 -0.18 21.16
N LYS B 106 -21.39 -0.91 20.11
CA LYS B 106 -22.60 -1.72 20.17
C LYS B 106 -22.40 -2.90 21.12
N THR B 107 -21.17 -3.08 21.60
CA THR B 107 -20.86 -4.16 22.53
C THR B 107 -20.25 -3.59 23.84
N GLN B 108 -21.06 -3.60 24.89
CA GLN B 108 -20.67 -3.10 26.19
C GLN B 108 -20.53 -4.30 27.14
N PRO B 109 -19.29 -4.72 27.43
CA PRO B 109 -19.04 -5.85 28.33
C PRO B 109 -19.22 -5.59 29.82
N LEU B 110 -19.17 -4.32 30.22
CA LEU B 110 -19.29 -3.96 31.63
C LEU B 110 -20.39 -2.98 32.04
N GLN B 111 -21.19 -3.39 33.02
CA GLN B 111 -22.26 -2.55 33.55
C GLN B 111 -21.61 -1.34 34.21
N HIS B 112 -22.22 -0.17 34.06
CA HIS B 112 -21.68 1.06 34.63
C HIS B 112 -20.48 1.60 33.86
N HIS B 113 -20.04 0.87 32.83
CA HIS B 113 -18.94 1.36 31.99
C HIS B 113 -19.50 1.58 30.58
N ASN B 114 -18.89 2.49 29.83
CA ASN B 114 -19.37 2.76 28.49
C ASN B 114 -18.17 2.95 27.57
N LEU B 115 -17.93 2.00 26.69
CA LEU B 115 -16.83 2.11 25.75
C LEU B 115 -17.31 3.01 24.61
N LEU B 116 -16.71 4.19 24.51
CA LEU B 116 -17.06 5.16 23.47
C LEU B 116 -16.14 4.99 22.27
N VAL B 117 -16.70 5.22 21.09
CA VAL B 117 -15.94 5.07 19.86
C VAL B 117 -15.93 6.32 19.00
N CYS B 118 -14.74 6.75 18.60
CA CYS B 118 -14.65 7.87 17.69
C CYS B 118 -14.15 7.30 16.36
N SER B 119 -14.99 7.35 15.33
CA SER B 119 -14.61 6.85 14.02
C SER B 119 -14.19 8.05 13.16
N VAL B 120 -13.03 7.94 12.53
CA VAL B 120 -12.51 9.02 11.68
C VAL B 120 -12.19 8.40 10.33
N SER B 121 -12.94 8.78 9.29
CA SER B 121 -12.71 8.14 8.00
C SER B 121 -12.78 8.96 6.73
N GLY B 122 -12.30 8.33 5.65
CA GLY B 122 -12.28 8.91 4.33
C GLY B 122 -11.31 10.06 4.16
N PHE B 123 -10.26 10.12 4.97
CA PHE B 123 -9.32 11.25 4.87
C PHE B 123 -8.00 11.04 4.16
N TYR B 124 -7.37 12.16 3.80
CA TYR B 124 -6.07 12.13 3.14
C TYR B 124 -5.43 13.52 3.31
N PRO B 125 -4.11 13.59 3.57
CA PRO B 125 -3.17 12.47 3.71
C PRO B 125 -3.38 11.74 5.05
N GLY B 126 -2.52 10.76 5.34
CA GLY B 126 -2.64 9.97 6.56
C GLY B 126 -2.30 10.66 7.88
N SER B 127 -1.48 11.70 7.81
CA SER B 127 -1.09 12.45 8.99
C SER B 127 -2.32 13.02 9.71
N ILE B 128 -2.57 12.57 10.94
CA ILE B 128 -3.74 13.04 11.69
C ILE B 128 -3.52 12.83 13.21
N GLU B 129 -4.26 13.56 14.06
CA GLU B 129 -4.20 13.42 15.53
C GLU B 129 -5.62 13.41 16.09
N VAL B 130 -5.95 12.38 16.85
CA VAL B 130 -7.29 12.25 17.39
C VAL B 130 -7.18 12.21 18.91
N ARG B 131 -7.91 13.08 19.60
CA ARG B 131 -7.84 13.13 21.07
C ARG B 131 -9.21 13.08 21.72
N TRP B 132 -9.26 12.56 22.95
CA TRP B 132 -10.51 12.49 23.71
C TRP B 132 -10.42 13.45 24.88
N PHE B 133 -11.55 14.07 25.20
CA PHE B 133 -11.65 15.00 26.31
C PHE B 133 -12.87 14.66 27.15
N ARG B 134 -12.75 14.93 28.44
CA ARG B 134 -13.84 14.70 29.37
C ARG B 134 -13.99 16.06 30.04
N ASN B 135 -15.16 16.67 29.85
CA ASN B 135 -15.41 18.00 30.40
C ASN B 135 -14.30 18.94 30.00
N GLY B 136 -13.81 18.82 28.77
CA GLY B 136 -12.75 19.71 28.30
C GLY B 136 -11.34 19.46 28.81
N GLN B 137 -11.13 18.32 29.46
CA GLN B 137 -9.82 17.98 29.99
C GLN B 137 -9.38 16.71 29.21
N GLU B 138 -8.22 16.75 28.57
CA GLU B 138 -7.77 15.63 27.78
C GLU B 138 -7.62 14.32 28.56
N GLU B 139 -8.18 13.25 28.00
CA GLU B 139 -8.12 11.93 28.60
C GLU B 139 -6.89 11.24 28.02
N LYS B 140 -5.88 11.04 28.85
CA LYS B 140 -4.68 10.40 28.38
C LYS B 140 -4.63 8.92 28.76
N ALA B 141 -5.59 8.47 29.57
CA ALA B 141 -5.64 7.07 30.00
C ALA B 141 -6.92 6.41 29.52
N GLY B 142 -6.86 5.09 29.30
CA GLY B 142 -8.02 4.34 28.85
C GLY B 142 -8.40 4.55 27.40
N VAL B 143 -7.46 5.00 26.60
CA VAL B 143 -7.70 5.25 25.19
C VAL B 143 -7.11 4.11 24.36
N VAL B 144 -7.90 3.59 23.43
CA VAL B 144 -7.47 2.52 22.55
C VAL B 144 -7.62 2.97 21.10
N SER B 145 -6.52 3.02 20.36
CA SER B 145 -6.57 3.42 18.96
C SER B 145 -6.21 2.26 18.05
N THR B 146 -7.04 2.00 17.04
CA THR B 146 -6.75 0.92 16.11
C THR B 146 -5.48 1.21 15.30
N GLY B 147 -5.09 2.48 15.27
CA GLY B 147 -3.93 2.85 14.47
C GLY B 147 -4.38 3.36 13.10
N LEU B 148 -3.45 3.89 12.33
CA LEU B 148 -3.77 4.42 11.01
C LEU B 148 -3.97 3.29 9.99
N ILE B 149 -5.11 3.31 9.31
CA ILE B 149 -5.37 2.30 8.32
C ILE B 149 -5.40 2.93 6.91
N GLN B 150 -4.52 2.47 6.04
CA GLN B 150 -4.47 2.97 4.68
C GLN B 150 -5.43 2.05 3.90
N ASN B 151 -6.48 2.63 3.35
CA ASN B 151 -7.50 1.88 2.63
C ASN B 151 -7.14 1.35 1.22
N GLY B 152 -6.01 1.80 0.68
CA GLY B 152 -5.59 1.37 -0.65
C GLY B 152 -6.19 2.18 -1.78
N ASP B 153 -7.11 3.09 -1.48
CA ASP B 153 -7.77 3.89 -2.51
C ASP B 153 -7.55 5.39 -2.33
N TRP B 154 -6.35 5.77 -1.89
CA TRP B 154 -5.97 7.18 -1.62
C TRP B 154 -6.82 7.80 -0.51
N THR B 155 -7.18 6.95 0.45
CA THR B 155 -8.01 7.36 1.55
C THR B 155 -7.54 6.62 2.82
N PHE B 156 -7.79 7.19 4.00
CA PHE B 156 -7.40 6.56 5.28
C PHE B 156 -8.53 6.58 6.29
N GLN B 157 -8.42 5.71 7.29
CA GLN B 157 -9.38 5.70 8.37
C GLN B 157 -8.64 5.36 9.67
N THR B 158 -9.28 5.66 10.79
CA THR B 158 -8.70 5.34 12.09
C THR B 158 -9.85 5.35 13.11
N LEU B 159 -9.74 4.46 14.09
CA LEU B 159 -10.77 4.33 15.12
C LEU B 159 -10.11 4.51 16.48
N VAL B 160 -10.67 5.40 17.29
CA VAL B 160 -10.12 5.68 18.61
C VAL B 160 -11.22 5.53 19.65
N MET B 161 -11.03 4.59 20.56
CA MET B 161 -12.03 4.36 21.58
C MET B 161 -11.61 4.88 22.96
N LEU B 162 -12.60 5.16 23.80
CA LEU B 162 -12.33 5.63 25.14
C LEU B 162 -13.09 4.79 26.16
N GLU B 163 -12.37 4.28 27.15
CA GLU B 163 -12.96 3.52 28.24
C GLU B 163 -13.51 4.59 29.18
N THR B 164 -14.80 4.50 29.52
CA THR B 164 -15.39 5.49 30.45
C THR B 164 -16.32 4.86 31.49
N VAL B 165 -16.52 5.60 32.57
CA VAL B 165 -17.43 5.26 33.66
C VAL B 165 -18.20 6.59 33.71
N PRO B 166 -19.26 6.69 32.90
CA PRO B 166 -20.08 7.90 32.81
C PRO B 166 -20.94 8.31 33.99
N ARG B 167 -20.92 9.60 34.27
CA ARG B 167 -21.75 10.19 35.32
C ARG B 167 -22.54 11.28 34.59
N SER B 168 -23.85 11.30 34.82
CA SER B 168 -24.74 12.28 34.17
C SER B 168 -24.21 13.70 34.23
N GLY B 169 -24.34 14.42 33.11
CA GLY B 169 -23.85 15.78 33.06
C GLY B 169 -22.50 15.89 32.38
N GLU B 170 -21.72 14.81 32.36
CA GLU B 170 -20.40 14.85 31.73
C GLU B 170 -20.49 15.05 30.23
N VAL B 171 -19.48 15.72 29.68
CA VAL B 171 -19.42 15.95 28.26
C VAL B 171 -18.14 15.31 27.74
N TYR B 172 -18.28 14.41 26.78
CA TYR B 172 -17.12 13.74 26.20
C TYR B 172 -16.95 14.29 24.79
N THR B 173 -15.71 14.61 24.43
CA THR B 173 -15.44 15.22 23.14
C THR B 173 -14.33 14.50 22.36
N CYS B 174 -14.58 14.18 21.09
CA CYS B 174 -13.52 13.58 20.28
C CYS B 174 -13.07 14.74 19.42
N GLN B 175 -11.76 15.00 19.42
CA GLN B 175 -11.18 16.10 18.64
C GLN B 175 -10.20 15.59 17.58
N VAL B 176 -10.37 16.04 16.34
CA VAL B 176 -9.52 15.60 15.23
C VAL B 176 -8.76 16.77 14.59
N GLU B 177 -7.46 16.62 14.47
CA GLU B 177 -6.64 17.62 13.80
C GLU B 177 -6.04 16.99 12.56
N HIS B 178 -6.22 17.66 11.42
CA HIS B 178 -5.76 17.12 10.14
C HIS B 178 -5.43 18.28 9.19
N PRO B 179 -4.47 18.11 8.27
CA PRO B 179 -4.13 19.21 7.37
C PRO B 179 -5.28 19.77 6.53
N SER B 180 -6.33 18.99 6.35
CA SER B 180 -7.48 19.44 5.58
C SER B 180 -8.31 20.50 6.30
N VAL B 181 -8.21 20.62 7.62
CA VAL B 181 -8.99 21.65 8.30
C VAL B 181 -8.10 22.58 9.10
N THR B 182 -8.53 23.83 9.20
CA THR B 182 -7.77 24.85 9.92
C THR B 182 -7.92 24.79 11.44
N SER B 183 -9.12 24.51 11.92
CA SER B 183 -9.30 24.39 13.36
C SER B 183 -9.78 22.97 13.62
N PRO B 184 -9.47 22.44 14.81
CA PRO B 184 -9.89 21.07 15.13
C PRO B 184 -11.36 20.76 14.96
N LEU B 185 -11.63 19.53 14.52
CA LEU B 185 -13.00 19.09 14.37
C LEU B 185 -13.33 18.46 15.72
N THR B 186 -14.52 18.75 16.24
CA THR B 186 -14.94 18.17 17.52
C THR B 186 -16.32 17.57 17.37
N VAL B 187 -16.55 16.47 18.07
CA VAL B 187 -17.86 15.81 18.05
C VAL B 187 -18.06 15.37 19.48
N GLU B 188 -19.19 15.72 20.09
CA GLU B 188 -19.36 15.37 21.48
C GLU B 188 -20.48 14.40 21.75
N TRP B 189 -20.34 13.69 22.86
CA TRP B 189 -21.29 12.72 23.33
C TRP B 189 -21.54 13.12 24.79
N ARG B 190 -22.81 13.30 25.16
CA ARG B 190 -23.15 13.70 26.51
C ARG B 190 -23.70 12.54 27.33
N ALA B 191 -23.20 12.41 28.55
CA ALA B 191 -23.58 11.33 29.46
C ALA B 191 -24.96 11.63 30.04
N ALA C 1 -0.45 15.05 -24.63
CA ALA C 1 0.86 15.45 -24.05
C ALA C 1 0.74 15.83 -22.58
N PRO C 2 -0.23 15.25 -21.85
CA PRO C 2 -0.26 15.66 -20.45
C PRO C 2 1.07 15.21 -19.87
N PRO C 3 1.63 15.97 -18.91
CA PRO C 3 2.90 15.62 -18.29
C PRO C 3 3.02 14.10 -18.16
N ALA C 4 4.18 13.57 -18.52
CA ALA C 4 4.37 12.13 -18.46
C ALA C 4 5.29 11.65 -17.36
N TYR C 5 4.87 10.58 -16.69
CA TYR C 5 5.69 10.00 -15.65
C TYR C 5 6.84 9.37 -16.44
N GLU C 6 8.07 9.53 -15.96
CA GLU C 6 9.22 8.98 -16.65
C GLU C 6 9.82 7.81 -15.88
N LYS C 7 10.11 6.73 -16.59
CA LYS C 7 10.66 5.54 -15.95
C LYS C 7 12.18 5.55 -15.93
N LEU C 8 12.74 4.72 -15.07
CA LEU C 8 14.17 4.53 -15.04
C LEU C 8 14.24 3.10 -15.65
N SEP C 9 15.08 2.93 -16.66
CA SEP C 9 15.23 1.64 -17.42
CB SEP C 9 15.94 1.94 -18.75
OG SEP C 9 15.10 2.91 -19.41
C SEP C 9 16.00 0.62 -16.63
O SEP C 9 16.98 0.92 -15.99
P SEP C 9 15.73 3.37 -20.82
O1P SEP C 9 15.92 2.23 -21.74
O2P SEP C 9 14.74 4.43 -21.47
O3P SEP C 9 17.16 4.07 -20.55
N ALA C 10 15.51 -0.63 -16.69
CA ALA C 10 16.14 -1.76 -16.00
C ALA C 10 17.44 -2.08 -16.69
N GLU C 11 18.48 -2.33 -15.92
CA GLU C 11 19.76 -2.64 -16.52
C GLU C 11 19.95 -4.16 -16.63
N GLN C 12 20.52 -4.62 -17.75
CA GLN C 12 20.73 -6.05 -17.96
C GLN C 12 21.90 -6.53 -17.14
N SER C 13 21.70 -7.66 -16.45
CA SER C 13 22.76 -8.22 -15.62
C SER C 13 23.69 -9.10 -16.45
N PRO C 14 24.89 -9.36 -15.90
CA PRO C 14 25.90 -10.21 -16.53
C PRO C 14 25.61 -11.59 -15.94
N PRO C 15 26.17 -12.66 -16.51
CA PRO C 15 25.86 -13.96 -15.91
C PRO C 15 26.03 -13.99 -14.38
#